data_6CT2
#
_entry.id   6CT2
#
_cell.length_a   45.892
_cell.length_b   56.080
_cell.length_c   120.919
_cell.angle_alpha   90.00
_cell.angle_beta   90.00
_cell.angle_gamma   90.00
#
_symmetry.space_group_name_H-M   'P 21 21 21'
#
loop_
_entity.id
_entity.type
_entity.pdbx_description
1 polymer 'Histone acetyltransferase KAT8'
2 non-polymer "3-fluoro-N'-[(2-fluorophenyl)sulfonyl]-5-(pyridin-2-yl)benzohydrazide"
3 non-polymer 'ZINC ION'
4 non-polymer 'MAGNESIUM ION'
5 water water
#
_entity_poly.entity_id   1
_entity_poly.type   'polypeptide(L)'
_entity_poly.pdbx_seq_one_letter_code
;MGSSHHHHHHSSGLVPRGSTKVKYVDKIHIGNYEIDAWYFSPFPEDYGKQPKLWLCEYCLKYMKYEKSYRFHLGQCQWRQ
PPGKEIYRKSNISVHEVDGKDHKIYCQNLCLLAKLFLDH(ALY)TLYFDVEPFVFYILTEVDRQGAHIVGYFSKEKESPD
GNNVSCIMILPPYQRRGYGRFLIAFSYELSKLESTVGSPEKPLSDLGKLSYRSYWSWVLLENLRDFRGTLSIKDLSQMTS
ITQNDIISTLQSLNMVKYWKGQHVICVTPKLVEEHLKSAQYKKPPITVDSVCLKWAPPK
;
_entity_poly.pdbx_strand_id   A
#
loop_
_chem_comp.id
_chem_comp.type
_chem_comp.name
_chem_comp.formula
FCV non-polymer 3-fluoro-N'-[(2-fluorophenyl)sulfonyl]-5-(pyridin-2-yl)benzohydrazide 'C18 H13 F2 N3 O3 S'
MG non-polymer 'MAGNESIUM ION' 'Mg 2'
ZN non-polymer 'ZINC ION' 'Zn 2'
#
# COMPACT_ATOMS: atom_id res chain seq x y z
N VAL A 22 -31.81 -0.09 -6.71
CA VAL A 22 -30.83 0.20 -5.67
C VAL A 22 -29.84 -0.97 -5.58
N LYS A 23 -29.58 -1.60 -6.73
CA LYS A 23 -28.50 -2.56 -6.81
C LYS A 23 -27.16 -1.84 -6.72
N TYR A 24 -26.25 -2.39 -5.93
CA TYR A 24 -24.90 -1.87 -5.86
C TYR A 24 -24.02 -2.52 -6.94
N VAL A 25 -22.85 -1.93 -7.15
CA VAL A 25 -21.80 -2.63 -7.89
C VAL A 25 -21.32 -3.81 -7.05
N ASP A 26 -21.41 -5.01 -7.62
CA ASP A 26 -20.96 -6.21 -6.93
C ASP A 26 -19.91 -6.99 -7.70
N LYS A 27 -19.66 -6.65 -8.96
CA LYS A 27 -18.66 -7.34 -9.76
C LYS A 27 -18.04 -6.34 -10.72
N ILE A 28 -16.73 -6.42 -10.89
CA ILE A 28 -16.02 -5.59 -11.84
C ILE A 28 -15.20 -6.46 -12.78
N HIS A 29 -14.98 -5.97 -13.98
CA HIS A 29 -14.03 -6.53 -14.92
C HIS A 29 -12.96 -5.47 -15.18
N ILE A 30 -11.73 -5.78 -14.81
CA ILE A 30 -10.61 -4.85 -14.97
C ILE A 30 -9.44 -5.62 -15.54
N GLY A 31 -8.89 -5.16 -16.66
CA GLY A 31 -7.89 -5.93 -17.36
C GLY A 31 -8.45 -7.27 -17.79
N ASN A 32 -7.78 -8.35 -17.39
CA ASN A 32 -8.24 -9.70 -17.64
C ASN A 32 -8.80 -10.36 -16.39
N TYR A 33 -9.20 -9.56 -15.40
CA TYR A 33 -9.70 -10.07 -14.13
C TYR A 33 -11.18 -9.72 -13.96
N GLU A 34 -11.93 -10.67 -13.42
CA GLU A 34 -13.25 -10.42 -12.86
C GLU A 34 -13.13 -10.56 -11.35
N ILE A 35 -13.59 -9.54 -10.62
CA ILE A 35 -13.42 -9.48 -9.18
C ILE A 35 -14.76 -9.17 -8.53
N ASP A 36 -15.11 -9.93 -7.49
CA ASP A 36 -16.31 -9.65 -6.71
C ASP A 36 -16.03 -8.55 -5.71
N ALA A 37 -17.03 -7.71 -5.48
CA ALA A 37 -16.91 -6.63 -4.51
C ALA A 37 -17.01 -7.15 -3.09
N TRP A 38 -16.38 -6.42 -2.17
CA TRP A 38 -16.49 -6.71 -0.74
C TRP A 38 -17.36 -5.72 0.00
N TYR A 39 -17.51 -4.50 -0.52
CA TYR A 39 -18.21 -3.44 0.19
C TYR A 39 -18.89 -2.53 -0.81
N PHE A 40 -19.79 -1.71 -0.31
CA PHE A 40 -20.47 -0.72 -1.15
C PHE A 40 -19.50 0.38 -1.54
N SER A 41 -19.47 0.72 -2.83
CA SER A 41 -18.75 1.88 -3.32
C SER A 41 -19.73 2.76 -4.07
N PRO A 42 -19.74 4.08 -3.83
CA PRO A 42 -20.80 4.95 -4.36
C PRO A 42 -20.56 5.40 -5.79
N PHE A 43 -20.40 4.43 -6.69
CA PHE A 43 -20.52 4.75 -8.11
C PHE A 43 -21.90 5.33 -8.38
N PRO A 44 -22.02 6.22 -9.36
CA PRO A 44 -23.34 6.75 -9.72
C PRO A 44 -24.35 5.62 -9.90
N GLU A 45 -25.61 5.91 -9.53
CA GLU A 45 -26.61 4.86 -9.35
C GLU A 45 -26.80 4.03 -10.62
N ASP A 46 -26.76 4.68 -11.78
CA ASP A 46 -26.96 3.95 -13.04
C ASP A 46 -25.84 2.96 -13.31
N TYR A 47 -24.65 3.19 -12.74
CA TYR A 47 -23.54 2.27 -12.96
C TYR A 47 -23.67 1.01 -12.12
N GLY A 48 -24.26 1.12 -10.93
CA GLY A 48 -24.49 -0.05 -10.10
C GLY A 48 -25.60 -0.96 -10.59
N LYS A 49 -26.54 -0.42 -11.39
CA LYS A 49 -27.67 -1.20 -11.86
C LYS A 49 -27.24 -2.32 -12.82
N GLN A 50 -26.08 -2.21 -13.43
CA GLN A 50 -25.62 -3.19 -14.41
C GLN A 50 -25.09 -4.43 -13.72
N PRO A 51 -25.06 -5.57 -14.42
CA PRO A 51 -24.52 -6.79 -13.81
C PRO A 51 -23.06 -6.67 -13.42
N LYS A 52 -22.24 -6.11 -14.29
CA LYS A 52 -20.84 -5.85 -14.02
C LYS A 52 -20.52 -4.41 -14.40
N LEU A 53 -19.44 -3.90 -13.82
CA LEU A 53 -18.94 -2.61 -14.24
C LEU A 53 -17.51 -2.81 -14.75
N TRP A 54 -17.19 -2.18 -15.87
CA TRP A 54 -15.98 -2.48 -16.63
C TRP A 54 -14.98 -1.33 -16.44
N LEU A 55 -13.78 -1.66 -15.97
CA LEU A 55 -12.73 -0.67 -15.70
C LEU A 55 -11.60 -0.80 -16.70
N CYS A 56 -11.26 0.30 -17.37
CA CYS A 56 -9.99 0.36 -18.05
C CYS A 56 -8.88 0.27 -17.01
N GLU A 57 -8.00 -0.72 -17.19
CA GLU A 57 -6.95 -0.95 -16.19
C GLU A 57 -5.90 0.14 -16.17
N TYR A 58 -5.85 1.02 -17.18
CA TYR A 58 -4.82 2.03 -17.30
C TYR A 58 -5.28 3.42 -16.85
N CYS A 59 -6.44 3.88 -17.32
CA CYS A 59 -6.96 5.17 -16.92
C CYS A 59 -8.05 5.07 -15.86
N LEU A 60 -8.50 3.87 -15.53
CA LEU A 60 -9.47 3.58 -14.49
C LEU A 60 -10.85 4.16 -14.78
N LYS A 61 -11.12 4.55 -16.02
CA LYS A 61 -12.48 4.89 -16.40
C LYS A 61 -13.39 3.70 -16.20
N TYR A 62 -14.55 3.92 -15.59
CA TYR A 62 -15.49 2.84 -15.34
C TYR A 62 -16.66 2.94 -16.30
N MET A 63 -17.08 1.79 -16.81
CA MET A 63 -18.08 1.72 -17.88
C MET A 63 -19.13 0.66 -17.57
N LYS A 64 -20.26 0.78 -18.26
CA LYS A 64 -21.44 -0.03 -17.95
C LYS A 64 -21.58 -1.27 -18.81
N TYR A 65 -20.92 -1.32 -19.98
CA TYR A 65 -21.16 -2.38 -20.94
C TYR A 65 -19.84 -2.94 -21.45
N GLU A 66 -19.87 -4.23 -21.82
CA GLU A 66 -18.71 -4.84 -22.45
C GLU A 66 -18.36 -4.14 -23.77
N LYS A 67 -19.38 -3.70 -24.51
CA LYS A 67 -19.12 -3.10 -25.81
C LYS A 67 -18.52 -1.70 -25.66
N SER A 68 -19.01 -0.90 -24.70
CA SER A 68 -18.36 0.36 -24.43
C SER A 68 -16.95 0.14 -23.90
N TYR A 69 -16.76 -0.93 -23.11
CA TYR A 69 -15.44 -1.26 -22.60
C TYR A 69 -14.51 -1.67 -23.73
N ARG A 70 -14.98 -2.54 -24.63
CA ARG A 70 -14.13 -2.99 -25.74
C ARG A 70 -13.77 -1.83 -26.65
N PHE A 71 -14.72 -0.91 -26.89
CA PHE A 71 -14.41 0.26 -27.70
C PHE A 71 -13.37 1.15 -27.03
N HIS A 72 -13.48 1.32 -25.71
CA HIS A 72 -12.52 2.14 -24.98
C HIS A 72 -11.12 1.55 -25.06
N LEU A 73 -11.02 0.22 -24.93
CA LEU A 73 -9.71 -0.44 -24.99
C LEU A 73 -8.99 -0.13 -26.31
N GLY A 74 -9.75 -0.06 -27.41
CA GLY A 74 -9.14 0.24 -28.68
C GLY A 74 -8.80 1.70 -28.90
N GLN A 75 -9.37 2.59 -28.10
CA GLN A 75 -9.14 4.02 -28.22
CA GLN A 75 -9.14 4.03 -28.21
C GLN A 75 -8.21 4.57 -27.14
N CYS A 76 -8.31 4.07 -25.91
CA CYS A 76 -7.50 4.58 -24.81
C CYS A 76 -6.02 4.39 -25.10
N GLN A 77 -5.27 5.49 -25.06
CA GLN A 77 -3.84 5.46 -25.32
C GLN A 77 -3.01 5.38 -24.05
N TRP A 78 -3.64 5.42 -22.88
CA TRP A 78 -2.93 5.19 -21.62
C TRP A 78 -2.46 3.74 -21.53
N ARG A 79 -1.21 3.56 -21.11
CA ARG A 79 -0.67 2.24 -20.84
C ARG A 79 0.02 2.18 -19.49
N GLN A 80 -0.23 3.19 -18.64
CA GLN A 80 0.40 3.29 -17.33
C GLN A 80 -0.34 4.36 -16.54
N PRO A 81 -0.20 4.38 -15.22
CA PRO A 81 -0.77 5.47 -14.43
C PRO A 81 -0.19 6.81 -14.83
N PRO A 82 -0.89 7.91 -14.56
CA PRO A 82 -0.32 9.22 -14.84
C PRO A 82 0.70 9.62 -13.78
N GLY A 83 1.13 10.88 -13.81
CA GLY A 83 2.05 11.35 -12.79
C GLY A 83 3.47 10.80 -12.98
N LYS A 84 4.30 11.13 -12.00
CA LYS A 84 5.72 10.79 -12.06
C LYS A 84 5.95 9.35 -11.63
N GLU A 85 6.74 8.62 -12.42
CA GLU A 85 7.19 7.28 -12.05
C GLU A 85 8.33 7.43 -11.07
N ILE A 86 8.02 7.37 -9.77
CA ILE A 86 9.04 7.58 -8.74
C ILE A 86 9.80 6.32 -8.38
N TYR A 87 9.42 5.16 -8.93
CA TYR A 87 10.14 3.93 -8.68
C TYR A 87 10.03 3.03 -9.90
N ARG A 88 11.15 2.41 -10.27
CA ARG A 88 11.17 1.47 -11.39
C ARG A 88 12.38 0.57 -11.21
N LYS A 89 12.15 -0.70 -10.91
CA LYS A 89 13.18 -1.71 -10.95
C LYS A 89 12.62 -2.93 -11.65
N SER A 90 13.29 -3.37 -12.72
CA SER A 90 12.79 -4.44 -13.59
C SER A 90 11.38 -4.04 -14.03
N ASN A 91 10.36 -4.88 -13.83
CA ASN A 91 9.01 -4.60 -14.27
C ASN A 91 8.10 -4.15 -13.13
N ILE A 92 8.67 -3.75 -11.99
CA ILE A 92 7.91 -3.26 -10.86
C ILE A 92 8.05 -1.74 -10.83
N SER A 93 6.91 -1.03 -10.82
CA SER A 93 6.91 0.41 -10.95
C SER A 93 5.90 1.03 -9.99
N VAL A 94 6.22 2.21 -9.50
CA VAL A 94 5.33 3.01 -8.65
C VAL A 94 5.19 4.38 -9.29
N HIS A 95 3.95 4.84 -9.41
CA HIS A 95 3.65 6.18 -9.90
C HIS A 95 3.12 7.04 -8.76
N GLU A 96 3.69 8.23 -8.61
CA GLU A 96 3.21 9.21 -7.65
C GLU A 96 2.21 10.13 -8.35
N VAL A 97 0.97 10.12 -7.89
CA VAL A 97 -0.13 10.84 -8.54
C VAL A 97 -0.71 11.83 -7.55
N ASP A 98 -0.57 13.12 -7.85
CA ASP A 98 -1.13 14.16 -7.01
C ASP A 98 -2.63 14.27 -7.29
N GLY A 99 -3.43 14.15 -6.22
CA GLY A 99 -4.87 14.21 -6.38
C GLY A 99 -5.37 15.47 -7.03
N LYS A 100 -4.68 16.59 -6.82
CA LYS A 100 -5.06 17.84 -7.45
C LYS A 100 -4.77 17.83 -8.95
N ASP A 101 -3.66 17.22 -9.38
CA ASP A 101 -3.27 17.28 -10.77
C ASP A 101 -4.02 16.26 -11.65
N HIS A 102 -4.58 15.21 -11.05
CA HIS A 102 -5.28 14.16 -11.79
C HIS A 102 -6.52 13.77 -10.98
N LYS A 103 -7.47 14.70 -10.90
CA LYS A 103 -8.63 14.52 -10.03
C LYS A 103 -9.47 13.33 -10.45
N ILE A 104 -9.81 13.24 -11.74
CA ILE A 104 -10.70 12.19 -12.20
C ILE A 104 -10.07 10.81 -11.99
N TYR A 105 -8.81 10.65 -12.39
CA TYR A 105 -8.13 9.38 -12.22
C TYR A 105 -8.14 8.94 -10.76
N CYS A 106 -7.90 9.87 -9.84
CA CYS A 106 -7.82 9.52 -8.43
C CYS A 106 -9.20 9.25 -7.83
N GLN A 107 -10.24 9.92 -8.33
CA GLN A 107 -11.59 9.59 -7.90
C GLN A 107 -11.98 8.18 -8.32
N ASN A 108 -11.70 7.84 -9.59
CA ASN A 108 -11.92 6.48 -10.05
C ASN A 108 -11.16 5.46 -9.21
N LEU A 109 -9.91 5.78 -8.87
CA LEU A 109 -9.13 4.90 -8.01
C LEU A 109 -9.79 4.73 -6.65
N CYS A 110 -10.31 5.81 -6.08
CA CYS A 110 -10.92 5.73 -4.76
C CYS A 110 -12.25 4.98 -4.79
N LEU A 111 -13.00 5.09 -5.88
CA LEU A 111 -14.22 4.29 -6.02
C LEU A 111 -13.90 2.82 -6.18
N LEU A 112 -12.88 2.49 -6.98
CA LEU A 112 -12.43 1.11 -7.10
C LEU A 112 -11.99 0.57 -5.75
N ALA A 113 -11.18 1.34 -5.01
CA ALA A 113 -10.66 0.87 -3.73
C ALA A 113 -11.77 0.66 -2.71
N LYS A 114 -12.83 1.48 -2.74
CA LYS A 114 -13.90 1.35 -1.77
C LYS A 114 -14.67 0.04 -1.94
N LEU A 115 -14.59 -0.59 -3.11
CA LEU A 115 -15.17 -1.91 -3.28
C LEU A 115 -14.50 -2.93 -2.38
N PHE A 116 -13.28 -2.68 -1.92
CA PHE A 116 -12.53 -3.63 -1.12
C PHE A 116 -12.09 -3.07 0.23
N LEU A 117 -12.51 -1.85 0.56
CA LEU A 117 -12.18 -1.21 1.83
C LEU A 117 -13.46 -0.82 2.55
N ASP A 118 -13.54 -1.18 3.84
CA ASP A 118 -14.73 -0.91 4.62
C ASP A 118 -14.77 0.51 5.16
N HIS A 119 -13.65 1.00 5.67
CA HIS A 119 -13.62 2.22 6.46
C HIS A 119 -13.41 3.49 5.62
OH ALY A 120 -7.52 6.16 -0.55
CH ALY A 120 -8.37 7.02 -0.27
CH3 ALY A 120 -7.97 8.38 0.24
NZ ALY A 120 -9.73 6.80 -0.41
CE ALY A 120 -10.30 5.57 -0.88
CD ALY A 120 -10.60 4.54 0.22
CG ALY A 120 -11.49 5.13 1.29
CB ALY A 120 -11.97 4.01 2.20
CA ALY A 120 -12.56 4.46 3.54
N ALY A 120 -12.78 3.35 4.45
C ALY A 120 -13.86 5.20 3.26
O ALY A 120 -14.86 4.66 2.78
N THR A 121 -13.87 6.48 3.61
CA THR A 121 -15.06 7.32 3.43
C THR A 121 -14.87 8.40 2.37
N LEU A 122 -13.64 8.54 1.88
CA LEU A 122 -13.26 9.65 1.02
C LEU A 122 -13.03 9.14 -0.39
N TYR A 123 -13.81 9.64 -1.34
CA TYR A 123 -13.78 9.16 -2.71
C TYR A 123 -13.57 10.27 -3.73
N PHE A 124 -14.19 11.44 -3.54
CA PHE A 124 -14.20 12.48 -4.56
C PHE A 124 -13.35 13.69 -4.23
N ASP A 125 -13.24 14.07 -2.96
CA ASP A 125 -12.33 15.14 -2.55
C ASP A 125 -10.92 14.56 -2.43
N VAL A 126 -10.35 14.22 -3.60
CA VAL A 126 -9.03 13.60 -3.65
C VAL A 126 -7.89 14.61 -3.64
N GLU A 127 -8.19 15.90 -3.71
CA GLU A 127 -7.14 16.91 -3.76
C GLU A 127 -6.17 16.88 -2.58
N PRO A 128 -6.58 16.63 -1.33
CA PRO A 128 -5.61 16.63 -0.23
C PRO A 128 -4.65 15.44 -0.23
N PHE A 129 -4.72 14.55 -1.21
CA PHE A 129 -3.99 13.30 -1.14
C PHE A 129 -3.02 13.14 -2.30
N VAL A 130 -1.96 12.38 -2.05
CA VAL A 130 -1.05 11.90 -3.08
CA VAL A 130 -1.04 11.90 -3.07
C VAL A 130 -1.18 10.38 -3.12
N PHE A 131 -1.32 9.84 -4.33
CA PHE A 131 -1.60 8.41 -4.50
C PHE A 131 -0.39 7.73 -5.13
N TYR A 132 -0.04 6.57 -4.59
CA TYR A 132 1.12 5.80 -5.04
C TYR A 132 0.62 4.50 -5.64
N ILE A 133 0.66 4.42 -6.97
CA ILE A 133 0.08 3.32 -7.73
C ILE A 133 1.17 2.28 -7.99
N LEU A 134 0.93 1.05 -7.56
CA LEU A 134 1.84 -0.05 -7.85
C LEU A 134 1.39 -0.77 -9.11
N THR A 135 2.29 -0.91 -10.08
CA THR A 135 1.98 -1.58 -11.32
C THR A 135 3.01 -2.67 -11.60
N GLU A 136 2.59 -3.61 -12.45
CA GLU A 136 3.40 -4.72 -12.90
C GLU A 136 3.41 -4.69 -14.43
N VAL A 137 4.60 -4.59 -15.02
CA VAL A 137 4.74 -4.20 -16.42
C VAL A 137 5.07 -5.41 -17.28
N ASP A 138 4.44 -5.49 -18.45
CA ASP A 138 4.89 -6.38 -19.52
C ASP A 138 4.94 -5.61 -20.83
N ARG A 139 5.01 -6.33 -21.96
CA ARG A 139 5.12 -5.66 -23.25
C ARG A 139 3.87 -4.85 -23.59
N GLN A 140 2.73 -5.16 -22.98
CA GLN A 140 1.48 -4.47 -23.28
C GLN A 140 1.33 -3.15 -22.53
N GLY A 141 1.71 -3.12 -21.26
CA GLY A 141 1.56 -1.91 -20.48
C GLY A 141 1.86 -2.17 -19.01
N ALA A 142 1.49 -1.19 -18.19
CA ALA A 142 1.75 -1.21 -16.75
C ALA A 142 0.44 -1.53 -16.03
N HIS A 143 0.36 -2.72 -15.45
CA HIS A 143 -0.90 -3.25 -14.96
C HIS A 143 -1.06 -2.98 -13.47
N ILE A 144 -2.18 -2.35 -13.12
CA ILE A 144 -2.38 -1.87 -11.75
C ILE A 144 -2.51 -3.06 -10.80
N VAL A 145 -1.71 -3.03 -9.73
CA VAL A 145 -1.77 -4.06 -8.70
C VAL A 145 -2.46 -3.54 -7.43
N GLY A 146 -2.16 -2.30 -7.06
CA GLY A 146 -2.74 -1.72 -5.86
C GLY A 146 -2.21 -0.33 -5.67
N TYR A 147 -2.46 0.23 -4.49
CA TYR A 147 -2.06 1.59 -4.22
C TYR A 147 -2.09 1.82 -2.72
N PHE A 148 -1.47 2.91 -2.29
CA PHE A 148 -1.79 3.51 -1.01
C PHE A 148 -1.86 5.01 -1.19
N SER A 149 -2.79 5.63 -0.46
CA SER A 149 -2.94 7.07 -0.45
C SER A 149 -2.21 7.66 0.73
N LYS A 150 -1.93 8.96 0.64
CA LYS A 150 -1.15 9.64 1.66
C LYS A 150 -1.57 11.10 1.69
N GLU A 151 -1.82 11.62 2.89
CA GLU A 151 -2.16 13.03 3.02
C GLU A 151 -0.91 13.87 2.82
N LYS A 152 -1.02 14.89 1.96
CA LYS A 152 0.12 15.80 1.76
C LYS A 152 0.54 16.47 3.05
N GLU A 153 -0.42 16.75 3.94
CA GLU A 153 -0.15 17.29 5.26
C GLU A 153 -0.93 16.46 6.27
N SER A 154 -0.28 15.46 6.85
CA SER A 154 -0.92 14.59 7.83
C SER A 154 -0.67 15.16 9.23
N PRO A 155 -1.68 15.72 9.90
CA PRO A 155 -1.45 16.25 11.25
C PRO A 155 -1.19 15.19 12.30
N ASP A 156 -1.66 13.96 12.09
CA ASP A 156 -1.40 12.87 13.03
C ASP A 156 0.00 12.31 12.86
N GLY A 157 0.53 12.31 11.65
CA GLY A 157 1.79 11.64 11.39
C GLY A 157 1.55 10.29 10.74
N ASN A 158 0.58 10.25 9.82
CA ASN A 158 0.24 9.04 9.10
C ASN A 158 0.98 9.05 7.76
N ASN A 159 1.86 8.07 7.57
CA ASN A 159 2.56 7.92 6.30
C ASN A 159 1.79 7.06 5.31
N VAL A 160 0.65 6.53 5.72
CA VAL A 160 -0.29 5.85 4.83
C VAL A 160 -1.70 6.19 5.31
N SER A 161 -2.58 6.59 4.39
CA SER A 161 -3.99 6.80 4.71
CA SER A 161 -3.99 6.80 4.71
C SER A 161 -4.75 5.49 4.51
N CYS A 162 -4.97 5.11 3.25
CA CYS A 162 -5.57 3.84 2.90
C CYS A 162 -4.60 3.07 2.00
N ILE A 163 -4.60 1.75 2.15
CA ILE A 163 -3.77 0.89 1.31
C ILE A 163 -4.61 -0.29 0.85
N MET A 164 -4.54 -0.59 -0.44
CA MET A 164 -5.43 -1.59 -1.03
C MET A 164 -4.67 -2.33 -2.11
N ILE A 165 -4.68 -3.66 -2.01
CA ILE A 165 -4.17 -4.55 -3.05
C ILE A 165 -5.35 -5.26 -3.67
N LEU A 166 -5.44 -5.23 -5.00
CA LEU A 166 -6.53 -5.91 -5.66
C LEU A 166 -6.51 -7.40 -5.32
N PRO A 167 -7.67 -8.02 -5.12
CA PRO A 167 -7.73 -9.38 -4.57
C PRO A 167 -6.84 -10.38 -5.30
N PRO A 168 -6.80 -10.41 -6.64
CA PRO A 168 -5.95 -11.41 -7.31
C PRO A 168 -4.47 -11.26 -6.99
N TYR A 169 -4.05 -10.12 -6.44
CA TYR A 169 -2.65 -9.89 -6.09
C TYR A 169 -2.40 -9.95 -4.59
N GLN A 170 -3.45 -10.13 -3.78
CA GLN A 170 -3.28 -10.10 -2.34
C GLN A 170 -2.47 -11.31 -1.86
N ARG A 171 -1.78 -11.12 -0.73
CA ARG A 171 -1.00 -12.18 -0.09
C ARG A 171 0.10 -12.71 -1.01
N ARG A 172 0.66 -11.84 -1.84
CA ARG A 172 1.68 -12.25 -2.80
C ARG A 172 2.90 -11.32 -2.78
N GLY A 173 3.04 -10.50 -1.73
CA GLY A 173 4.20 -9.66 -1.56
C GLY A 173 4.04 -8.23 -2.03
N TYR A 174 2.99 -7.92 -2.79
CA TYR A 174 2.81 -6.56 -3.28
C TYR A 174 2.43 -5.61 -2.15
N GLY A 175 1.56 -6.04 -1.24
CA GLY A 175 1.25 -5.21 -0.09
C GLY A 175 2.45 -4.97 0.79
N ARG A 176 3.29 -5.99 0.97
CA ARG A 176 4.52 -5.83 1.73
C ARG A 176 5.45 -4.82 1.06
N PHE A 177 5.51 -4.85 -0.28
CA PHE A 177 6.33 -3.88 -1.00
C PHE A 177 5.84 -2.45 -0.76
N LEU A 178 4.53 -2.24 -0.83
CA LEU A 178 3.98 -0.90 -0.66
C LEU A 178 4.19 -0.40 0.78
N ILE A 179 4.04 -1.28 1.76
CA ILE A 179 4.29 -0.90 3.15
C ILE A 179 5.75 -0.50 3.31
N ALA A 180 6.67 -1.32 2.78
CA ALA A 180 8.08 -0.97 2.83
C ALA A 180 8.36 0.31 2.07
N PHE A 181 7.70 0.49 0.92
CA PHE A 181 7.85 1.73 0.15
C PHE A 181 7.42 2.93 0.97
N SER A 182 6.31 2.82 1.70
CA SER A 182 5.81 3.94 2.49
C SER A 182 6.77 4.33 3.59
N TYR A 183 7.50 3.37 4.15
CA TYR A 183 8.49 3.70 5.17
C TYR A 183 9.78 4.24 4.55
N GLU A 184 10.07 3.84 3.31
CA GLU A 184 11.19 4.47 2.59
C GLU A 184 10.93 5.95 2.38
N LEU A 185 9.71 6.32 2.00
CA LEU A 185 9.36 7.73 1.89
C LEU A 185 9.49 8.44 3.23
N SER A 186 9.10 7.79 4.31
CA SER A 186 9.22 8.38 5.63
C SER A 186 10.69 8.62 6.00
N LYS A 187 11.56 7.68 5.64
CA LYS A 187 12.99 7.85 5.90
C LYS A 187 13.53 9.07 5.15
N LEU A 188 13.21 9.17 3.85
CA LEU A 188 13.69 10.30 3.06
C LEU A 188 13.12 11.62 3.53
N GLU A 189 11.99 11.60 4.22
CA GLU A 189 11.44 12.79 4.85
C GLU A 189 11.98 13.00 6.26
N SER A 190 12.90 12.14 6.72
CA SER A 190 13.52 12.24 8.03
C SER A 190 12.47 12.27 9.14
N THR A 191 11.50 11.37 9.05
CA THR A 191 10.41 11.31 10.00
C THR A 191 10.00 9.86 10.23
N VAL A 192 9.33 9.64 11.36
CA VAL A 192 8.64 8.38 11.59
C VAL A 192 7.22 8.52 11.06
N GLY A 193 6.54 7.40 10.89
CA GLY A 193 5.17 7.43 10.42
C GLY A 193 4.48 6.13 10.74
N SER A 194 3.14 6.18 10.73
CA SER A 194 2.32 5.04 11.07
C SER A 194 1.09 5.05 10.18
N PRO A 195 0.60 3.88 9.76
CA PRO A 195 -0.62 3.85 8.94
C PRO A 195 -1.80 4.40 9.73
N GLU A 196 -2.69 5.10 9.03
CA GLU A 196 -3.86 5.66 9.67
C GLU A 196 -4.80 4.54 10.11
N LYS A 197 -5.36 4.69 11.29
CA LYS A 197 -6.35 3.76 11.82
C LYS A 197 -7.75 4.24 11.48
N PRO A 198 -8.73 3.33 11.40
CA PRO A 198 -8.64 1.88 11.59
C PRO A 198 -8.01 1.17 10.39
N LEU A 199 -7.21 0.15 10.67
CA LEU A 199 -6.67 -0.69 9.61
C LEU A 199 -7.73 -1.69 9.15
N SER A 200 -7.65 -2.08 7.88
CA SER A 200 -8.45 -3.20 7.42
C SER A 200 -7.99 -4.48 8.11
N ASP A 201 -8.80 -5.52 7.99
CA ASP A 201 -8.43 -6.82 8.53
C ASP A 201 -7.11 -7.29 7.93
N LEU A 202 -6.97 -7.20 6.61
CA LEU A 202 -5.78 -7.66 5.93
C LEU A 202 -4.61 -6.71 6.13
N GLY A 203 -4.88 -5.40 6.22
CA GLY A 203 -3.81 -4.46 6.51
C GLY A 203 -3.21 -4.66 7.89
N LYS A 204 -4.06 -5.01 8.87
CA LYS A 204 -3.57 -5.22 10.23
C LYS A 204 -2.63 -6.43 10.29
N LEU A 205 -3.02 -7.53 9.64
CA LEU A 205 -2.12 -8.67 9.56
C LEU A 205 -0.84 -8.32 8.81
N SER A 206 -0.97 -7.55 7.73
CA SER A 206 0.18 -7.22 6.90
C SER A 206 1.17 -6.32 7.63
N TYR A 207 0.67 -5.30 8.34
CA TYR A 207 1.57 -4.42 9.06
C TYR A 207 2.23 -5.13 10.23
N ARG A 208 1.46 -5.93 10.98
CA ARG A 208 2.04 -6.70 12.08
C ARG A 208 3.11 -7.66 11.58
N SER A 209 2.87 -8.29 10.43
CA SER A 209 3.88 -9.17 9.86
CA SER A 209 3.88 -9.17 9.86
C SER A 209 5.09 -8.38 9.37
N TYR A 210 4.85 -7.23 8.72
CA TYR A 210 5.96 -6.41 8.23
C TYR A 210 6.79 -5.89 9.40
N TRP A 211 6.15 -5.29 10.40
CA TRP A 211 6.88 -4.78 11.55
C TRP A 211 7.70 -5.86 12.22
N SER A 212 7.16 -7.08 12.31
CA SER A 212 7.87 -8.17 12.95
C SER A 212 9.15 -8.50 12.20
N TRP A 213 9.07 -8.69 10.88
CA TRP A 213 10.25 -9.05 10.10
C TRP A 213 11.31 -7.96 10.17
N VAL A 214 10.91 -6.70 10.01
CA VAL A 214 11.85 -5.60 10.00
C VAL A 214 12.57 -5.50 11.34
N LEU A 215 11.81 -5.58 12.44
CA LEU A 215 12.41 -5.48 13.76
C LEU A 215 13.26 -6.72 14.08
N LEU A 216 12.78 -7.90 13.71
CA LEU A 216 13.51 -9.12 14.03
C LEU A 216 14.81 -9.22 13.22
N GLU A 217 14.78 -8.76 11.97
CA GLU A 217 15.99 -8.81 11.15
C GLU A 217 17.05 -7.86 11.70
N ASN A 218 16.66 -6.66 12.11
CA ASN A 218 17.62 -5.70 12.64
C ASN A 218 18.23 -6.19 13.95
N LEU A 219 17.39 -6.76 14.83
CA LEU A 219 17.89 -7.27 16.10
C LEU A 219 18.80 -8.48 15.91
N ARG A 220 18.58 -9.25 14.84
CA ARG A 220 19.46 -10.38 14.56
C ARG A 220 20.82 -9.90 14.07
N ASP A 221 20.85 -8.83 13.29
CA ASP A 221 22.07 -8.38 12.62
C ASP A 221 22.78 -7.24 13.35
N PHE A 222 22.21 -6.70 14.42
CA PHE A 222 22.85 -5.64 15.19
C PHE A 222 23.11 -6.05 16.64
N ARG A 223 23.01 -7.35 16.96
CA ARG A 223 23.29 -7.90 18.28
C ARG A 223 22.40 -7.30 19.37
N GLY A 224 21.27 -6.72 18.99
CA GLY A 224 20.38 -6.11 19.96
C GLY A 224 20.90 -4.85 20.61
N THR A 225 22.10 -4.40 20.26
CA THR A 225 22.65 -3.17 20.85
C THR A 225 21.93 -1.94 20.33
N LEU A 226 20.60 -1.99 20.34
CA LEU A 226 19.75 -0.92 19.84
C LEU A 226 18.66 -0.63 20.84
N SER A 227 18.36 0.64 21.02
CA SER A 227 17.20 1.03 21.82
C SER A 227 15.95 1.05 20.94
N ILE A 228 14.81 1.27 21.57
CA ILE A 228 13.58 1.45 20.81
C ILE A 228 13.66 2.71 19.96
N LYS A 229 14.32 3.75 20.49
CA LYS A 229 14.51 4.97 19.71
C LYS A 229 15.48 4.73 18.54
N ASP A 230 16.48 3.88 18.74
CA ASP A 230 17.39 3.52 17.65
C ASP A 230 16.64 2.86 16.51
N LEU A 231 15.86 1.82 16.82
CA LEU A 231 15.07 1.14 15.81
C LEU A 231 14.14 2.10 15.08
N SER A 232 13.57 3.06 15.81
CA SER A 232 12.64 4.00 15.20
C SER A 232 13.32 4.86 14.16
N GLN A 233 14.56 5.27 14.41
CA GLN A 233 15.29 6.08 13.44
C GLN A 233 15.77 5.24 12.26
N MET A 234 16.09 3.96 12.50
CA MET A 234 16.58 3.11 11.41
C MET A 234 15.46 2.72 10.46
N THR A 235 14.22 2.64 10.95
CA THR A 235 13.14 2.06 10.18
C THR A 235 11.99 3.04 9.89
N SER A 236 11.98 4.22 10.50
CA SER A 236 10.89 5.18 10.44
C SER A 236 9.59 4.62 11.01
N ILE A 237 9.63 3.47 11.67
CA ILE A 237 8.49 2.97 12.40
C ILE A 237 8.39 3.72 13.72
N THR A 238 7.18 4.13 14.09
CA THR A 238 6.98 4.86 15.33
C THR A 238 7.38 3.98 16.51
N GLN A 239 7.81 4.63 17.60
CA GLN A 239 8.16 3.88 18.81
C GLN A 239 6.97 3.11 19.34
N ASN A 240 5.75 3.64 19.16
CA ASN A 240 4.55 2.93 19.62
C ASN A 240 4.34 1.64 18.83
N ASP A 241 4.43 1.71 17.50
CA ASP A 241 4.29 0.50 16.69
C ASP A 241 5.41 -0.48 16.97
N ILE A 242 6.61 0.02 17.26
CA ILE A 242 7.71 -0.86 17.63
C ILE A 242 7.41 -1.56 18.95
N ILE A 243 6.90 -0.81 19.93
CA ILE A 243 6.69 -1.36 21.26
C ILE A 243 5.58 -2.41 21.23
N SER A 244 4.46 -2.11 20.56
CA SER A 244 3.39 -3.09 20.47
C SER A 244 3.81 -4.33 19.69
N THR A 245 4.69 -4.17 18.69
CA THR A 245 5.19 -5.33 17.96
C THR A 245 6.13 -6.16 18.84
N LEU A 246 7.04 -5.50 19.57
CA LEU A 246 7.91 -6.23 20.49
C LEU A 246 7.10 -6.89 21.60
N GLN A 247 6.03 -6.24 22.05
CA GLN A 247 5.14 -6.86 23.03
C GLN A 247 4.52 -8.13 22.48
N SER A 248 4.08 -8.09 21.22
CA SER A 248 3.55 -9.30 20.58
C SER A 248 4.62 -10.38 20.48
N LEU A 249 5.87 -9.99 20.24
CA LEU A 249 6.98 -10.94 20.18
C LEU A 249 7.54 -11.29 21.57
N ASN A 250 7.03 -10.65 22.62
CA ASN A 250 7.53 -10.84 23.99
C ASN A 250 9.02 -10.56 24.07
N MET A 251 9.42 -9.40 23.54
CA MET A 251 10.83 -9.04 23.46
C MET A 251 11.10 -7.68 24.07
N VAL A 252 10.27 -7.26 25.02
CA VAL A 252 10.43 -5.98 25.69
C VAL A 252 10.22 -6.16 27.19
N LYS A 253 11.12 -5.58 27.97
CA LYS A 253 10.98 -5.46 29.41
C LYS A 253 10.43 -4.08 29.75
N TYR A 254 9.81 -3.97 30.92
CA TYR A 254 9.33 -2.70 31.44
C TYR A 254 10.05 -2.41 32.75
N TRP A 255 10.60 -1.21 32.87
CA TRP A 255 11.38 -0.83 34.05
C TRP A 255 11.11 0.64 34.36
N LYS A 256 10.42 0.88 35.48
CA LYS A 256 10.19 2.24 35.99
C LYS A 256 9.64 3.16 34.91
N GLY A 257 8.67 2.65 34.16
CA GLY A 257 8.01 3.42 33.13
C GLY A 257 8.67 3.37 31.78
N GLN A 258 9.84 2.76 31.66
CA GLN A 258 10.57 2.71 30.39
C GLN A 258 10.46 1.32 29.78
N HIS A 259 10.13 1.30 28.49
CA HIS A 259 10.23 0.09 27.68
C HIS A 259 11.68 -0.22 27.33
N VAL A 260 12.09 -1.45 27.58
CA VAL A 260 13.47 -1.86 27.33
C VAL A 260 13.46 -3.13 26.50
N ILE A 261 14.16 -3.10 25.36
CA ILE A 261 14.31 -4.28 24.52
C ILE A 261 15.07 -5.34 25.30
N CYS A 262 14.55 -6.57 25.30
CA CYS A 262 15.19 -7.70 25.98
C CYS A 262 15.09 -8.90 25.05
N VAL A 263 16.21 -9.29 24.44
CA VAL A 263 16.18 -10.27 23.36
C VAL A 263 17.47 -11.07 23.36
N THR A 264 17.36 -12.34 22.97
CA THR A 264 18.46 -13.28 22.85
C THR A 264 18.41 -13.92 21.48
N PRO A 265 19.51 -14.56 21.03
CA PRO A 265 19.46 -15.26 19.73
C PRO A 265 18.36 -16.32 19.63
N LYS A 266 18.21 -17.15 20.66
CA LYS A 266 17.14 -18.16 20.64
C LYS A 266 15.77 -17.50 20.44
N LEU A 267 15.54 -16.35 21.08
CA LEU A 267 14.28 -15.64 20.90
C LEU A 267 14.14 -15.14 19.47
N VAL A 268 15.17 -14.46 18.95
CA VAL A 268 15.10 -13.89 17.60
C VAL A 268 14.91 -15.00 16.58
N GLU A 269 15.72 -16.06 16.66
CA GLU A 269 15.69 -17.09 15.63
C GLU A 269 14.39 -17.89 15.67
N GLU A 270 13.92 -18.25 16.87
CA GLU A 270 12.70 -19.03 16.97
C GLU A 270 11.47 -18.25 16.51
N HIS A 271 11.53 -16.92 16.54
CA HIS A 271 10.49 -16.10 15.93
C HIS A 271 10.72 -15.87 14.45
N LEU A 272 11.98 -15.75 14.03
CA LEU A 272 12.28 -15.50 12.62
C LEU A 272 12.07 -16.74 11.77
N LYS A 273 12.37 -17.93 12.30
CA LYS A 273 12.40 -19.15 11.52
C LYS A 273 11.03 -19.79 11.37
N SER A 274 9.95 -19.00 11.54
CA SER A 274 8.63 -19.46 11.19
C SER A 274 8.44 -19.42 9.68
N ALA A 275 7.35 -20.03 9.21
CA ALA A 275 7.07 -20.03 7.78
C ALA A 275 6.75 -18.64 7.25
N GLN A 276 6.25 -17.76 8.12
CA GLN A 276 5.87 -16.41 7.68
C GLN A 276 7.01 -15.72 6.95
N TYR A 277 8.22 -15.81 7.49
CA TYR A 277 9.37 -15.11 6.92
C TYR A 277 10.24 -16.05 6.11
N LYS A 278 9.63 -16.68 5.10
CA LYS A 278 10.36 -17.45 4.12
C LYS A 278 9.93 -17.20 2.69
N LYS A 279 8.89 -16.41 2.46
CA LYS A 279 8.56 -15.97 1.11
C LYS A 279 9.51 -14.86 0.68
N PRO A 280 10.17 -14.99 -0.47
CA PRO A 280 11.12 -13.95 -0.90
C PRO A 280 10.39 -12.68 -1.31
N PRO A 281 10.62 -11.58 -0.61
CA PRO A 281 9.89 -10.35 -0.90
C PRO A 281 10.38 -9.72 -2.19
N ILE A 282 9.64 -8.74 -2.72
N ILE A 282 9.42 -9.09 -2.87
CA ILE A 282 10.06 -8.09 -3.97
CA ILE A 282 9.71 -7.89 -3.61
C ILE A 282 11.34 -7.27 -3.77
C ILE A 282 10.24 -6.90 -2.61
N THR A 283 11.22 -6.16 -3.03
CA THR A 283 12.19 -5.45 -2.20
C THR A 283 12.28 -4.04 -2.75
N VAL A 284 12.20 -3.07 -1.85
CA VAL A 284 12.31 -1.67 -2.23
C VAL A 284 13.80 -1.36 -2.32
N ASP A 285 14.30 -1.26 -3.54
CA ASP A 285 15.68 -0.86 -3.79
C ASP A 285 15.68 0.66 -3.80
N SER A 286 16.17 1.26 -2.71
CA SER A 286 16.20 2.71 -2.59
C SER A 286 16.97 3.37 -3.72
N VAL A 287 17.83 2.62 -4.41
CA VAL A 287 18.56 3.16 -5.56
C VAL A 287 17.60 3.53 -6.68
N CYS A 288 16.50 2.79 -6.83
CA CYS A 288 15.54 3.02 -7.90
C CYS A 288 14.38 3.92 -7.49
N LEU A 289 14.44 4.51 -6.30
CA LEU A 289 13.41 5.45 -5.85
C LEU A 289 13.90 6.87 -6.15
N LYS A 290 13.19 7.56 -7.04
CA LYS A 290 13.55 8.91 -7.45
C LYS A 290 12.82 9.91 -6.56
N TRP A 291 13.44 10.23 -5.43
CA TRP A 291 12.88 11.18 -4.46
C TRP A 291 13.24 12.62 -4.82
N ALA A 292 14.53 12.91 -4.97
CA ALA A 292 15.01 14.24 -5.30
C ALA A 292 15.81 14.21 -6.59
N PRO A 293 15.64 15.19 -7.47
CA PRO A 293 16.42 15.22 -8.70
C PRO A 293 17.88 15.56 -8.40
N PRO A 294 18.81 15.12 -9.25
CA PRO A 294 20.22 15.45 -9.02
C PRO A 294 20.53 16.93 -9.08
N LYS A 295 19.68 17.73 -9.71
CA LYS A 295 19.86 19.17 -9.73
C LYS A 295 18.53 19.87 -9.99
C10 FCV B . -7.85 -4.42 2.15
C11 FCV B . -8.24 -4.54 0.82
C12 FCV B . -7.29 -4.83 -0.15
C14 FCV B . -1.64 -7.68 1.06
C21 FCV B . 2.42 -9.19 2.87
C22 FCV B . 3.23 -10.20 3.38
C02 FCV B . -2.28 -4.44 2.88
C03 FCV B . -1.64 -5.57 2.40
C04 FCV B . -2.34 -6.44 1.58
C05 FCV B . -3.66 -6.21 1.26
C06 FCV B . -4.29 -5.08 1.74
C07 FCV B . -3.61 -4.19 2.57
C08 FCV B . -5.61 -4.89 1.42
C09 FCV B . -6.50 -4.60 2.43
C23 FCV B . 3.95 -9.99 4.55
C24 FCV B . 3.86 -8.78 5.21
C25 FCV B . 3.05 -7.78 4.72
C26 FCV B . 2.33 -7.98 3.55
F01 FCV B . -1.59 -3.57 3.69
F27 FCV B . 1.54 -6.98 3.06
N13 FCV B . -6.02 -5.00 0.16
N16 FCV B . -0.88 -8.44 2.04
N17 FCV B . -0.18 -9.61 1.71
O15 FCV B . -1.72 -8.03 -0.07
O19 FCV B . 1.72 -8.39 0.37
O20 FCV B . 1.96 -10.64 0.61
S18 FCV B . 1.48 -9.46 1.35
ZN ZN C . -8.56 3.98 -20.48
MG MG D . -13.10 -12.36 -6.73
#